data_4LED
#
_entry.id   4LED
#
_cell.length_a   52.990
_cell.length_b   160.650
_cell.length_c   150.570
_cell.angle_alpha   90.00
_cell.angle_beta   90.00
_cell.angle_gamma   90.00
#
_symmetry.space_group_name_H-M   'C 2 2 21'
#
loop_
_entity.id
_entity.type
_entity.pdbx_description
1 polymer 'Pyocin L1'
2 non-polymer alpha-D-rhamnopyranose
3 water water
#
_entity_poly.entity_id   1
_entity_poly.type   'polypeptide(L)'
_entity_poly.pdbx_seq_one_letter_code
;MASSLAPRQVIRDGQFITSPNGKYKLVMQADGNLVLYEDGTKPIWNTTPVGPGAKAVMEFNLNLYNKAGQVAWSSNVYTA
YLFEEFKDEAYLNLQDDGDFGIFSDEAKWGSIVLSRPEVGVKNKIIPTGTVMVPGTEYINGNYRLAFQGDGNLVIYQINP
QVVIWATYTMGADRAVVQEDGNFVIYKGTTALWHTHTATGMPAYLKFTNTGKLFLSQPTLLWTLKRGSLSKPPKVIPGQH
GPLDTTPIWSWPHDYPRRRAVVHHHHHH
;
_entity_poly.pdbx_strand_id   A,B
#
loop_
_chem_comp.id
_chem_comp.type
_chem_comp.name
_chem_comp.formula
XXR D-saccharide, alpha linking alpha-D-rhamnopyranose 'C6 H12 O5'
#
# COMPACT_ATOMS: atom_id res chain seq x y z
N ALA A 2 3.52 -29.73 21.80
CA ALA A 2 3.18 -28.30 21.46
C ALA A 2 3.72 -27.40 22.52
N SER A 3 4.11 -26.17 22.18
CA SER A 3 4.74 -25.26 23.12
C SER A 3 3.87 -24.06 23.36
N SER A 4 2.64 -24.12 22.86
CA SER A 4 1.78 -22.92 22.93
C SER A 4 0.32 -23.28 23.23
N LEU A 5 -0.46 -22.27 23.58
CA LEU A 5 -1.93 -22.40 23.73
C LEU A 5 -2.60 -21.48 22.78
N ALA A 6 -3.54 -22.03 22.02
CA ALA A 6 -4.34 -21.25 21.05
C ALA A 6 -5.44 -20.52 21.76
N PRO A 7 -6.01 -19.48 21.13
CA PRO A 7 -7.20 -18.80 21.73
C PRO A 7 -8.33 -19.77 22.07
N ARG A 8 -8.87 -19.62 23.27
CA ARG A 8 -9.92 -20.50 23.84
C ARG A 8 -9.46 -21.90 24.16
N GLN A 9 -8.21 -22.23 23.91
CA GLN A 9 -7.83 -23.58 24.20
C GLN A 9 -8.08 -23.91 25.68
N VAL A 10 -8.46 -25.13 25.94
CA VAL A 10 -8.59 -25.60 27.31
C VAL A 10 -7.64 -26.72 27.55
N ILE A 11 -7.02 -26.74 28.73
CA ILE A 11 -6.33 -27.98 29.19
C ILE A 11 -6.74 -28.36 30.62
N ARG A 12 -6.77 -29.66 30.83
CA ARG A 12 -7.20 -30.17 32.06
C ARG A 12 -6.73 -31.58 32.25
N ASP A 13 -6.97 -32.08 33.45
CA ASP A 13 -6.72 -33.47 33.77
C ASP A 13 -5.41 -33.99 33.20
N GLY A 14 -4.33 -33.23 33.38
CA GLY A 14 -3.00 -33.71 33.10
C GLY A 14 -2.57 -33.43 31.69
N GLN A 15 -3.32 -32.64 30.94
CA GLN A 15 -2.86 -32.16 29.65
C GLN A 15 -1.82 -31.09 29.87
N PHE A 16 -0.98 -30.91 28.85
CA PHE A 16 0.19 -30.02 29.04
C PHE A 16 0.81 -29.49 27.75
N ILE A 17 1.67 -28.50 27.88
CA ILE A 17 2.51 -28.09 26.77
C ILE A 17 3.93 -28.13 27.21
N THR A 18 4.83 -28.11 26.21
CA THR A 18 6.21 -28.32 26.42
C THR A 18 7.02 -27.31 25.62
N SER A 19 8.07 -26.76 26.25
CA SER A 19 8.98 -25.85 25.58
C SER A 19 9.68 -26.57 24.43
N PRO A 20 10.05 -25.85 23.36
CA PRO A 20 10.63 -26.47 22.16
C PRO A 20 11.75 -27.42 22.44
N ASN A 21 12.57 -27.13 23.44
CA ASN A 21 13.71 -27.96 23.75
C ASN A 21 13.39 -29.10 24.66
N GLY A 22 12.13 -29.22 25.10
CA GLY A 22 11.68 -30.38 25.78
C GLY A 22 11.92 -30.30 27.25
N LYS A 23 12.56 -29.27 27.77
CA LYS A 23 12.96 -29.20 29.18
C LYS A 23 11.88 -28.72 30.18
N TYR A 24 11.00 -27.84 29.74
CA TYR A 24 9.98 -27.31 30.62
C TYR A 24 8.62 -27.79 30.19
N LYS A 25 7.75 -28.00 31.17
CA LYS A 25 6.41 -28.48 30.88
C LYS A 25 5.38 -27.81 31.81
N LEU A 26 4.37 -27.21 31.18
CA LEU A 26 3.29 -26.58 31.88
C LEU A 26 2.04 -27.50 31.81
N VAL A 27 1.67 -28.06 32.98
CA VAL A 27 0.65 -29.13 33.03
C VAL A 27 -0.47 -28.70 33.97
N MET A 28 -1.70 -28.74 33.47
CA MET A 28 -2.85 -28.49 34.31
C MET A 28 -3.27 -29.85 34.88
N GLN A 29 -2.96 -30.05 36.17
CA GLN A 29 -3.07 -31.38 36.76
C GLN A 29 -4.54 -31.71 37.11
N ALA A 30 -4.86 -32.99 37.14
CA ALA A 30 -6.18 -33.47 37.64
C ALA A 30 -6.52 -33.00 39.04
N ASP A 31 -5.56 -32.71 39.91
CA ASP A 31 -5.88 -32.16 41.26
C ASP A 31 -6.07 -30.61 41.16
N GLY A 32 -6.08 -30.11 39.94
CA GLY A 32 -6.31 -28.70 39.74
C GLY A 32 -5.10 -27.83 40.08
N ASN A 33 -3.90 -28.39 40.09
CA ASN A 33 -2.72 -27.53 40.22
C ASN A 33 -2.08 -27.31 38.88
N LEU A 34 -1.97 -26.05 38.49
CA LEU A 34 -1.20 -25.71 37.27
C LEU A 34 0.27 -25.63 37.67
N VAL A 35 1.06 -26.53 37.06
CA VAL A 35 2.47 -26.73 37.47
C VAL A 35 3.45 -26.68 36.32
N LEU A 36 4.53 -25.94 36.57
CA LEU A 36 5.69 -25.79 35.69
C LEU A 36 6.80 -26.72 36.19
N TYR A 37 7.16 -27.64 35.29
CA TYR A 37 8.11 -28.67 35.59
C TYR A 37 9.41 -28.47 34.80
N GLU A 38 10.53 -28.78 35.43
CA GLU A 38 11.84 -28.80 34.81
C GLU A 38 12.30 -30.25 34.76
N ASP A 39 12.74 -30.66 33.58
CA ASP A 39 13.25 -32.02 33.35
C ASP A 39 12.28 -33.12 33.73
N GLY A 40 11.00 -32.79 33.76
CA GLY A 40 10.01 -33.78 34.03
C GLY A 40 9.83 -34.11 35.48
N THR A 41 10.69 -33.63 36.36
CA THR A 41 10.68 -34.12 37.72
C THR A 41 10.76 -33.04 38.79
N LYS A 42 11.30 -31.89 38.46
CA LYS A 42 11.38 -30.79 39.40
C LYS A 42 10.31 -29.71 39.13
N PRO A 43 9.30 -29.60 40.00
CA PRO A 43 8.32 -28.50 39.86
C PRO A 43 8.99 -27.25 40.27
N ILE A 44 8.86 -26.17 39.50
CA ILE A 44 9.58 -24.93 39.84
C ILE A 44 8.64 -23.78 40.01
N TRP A 45 7.38 -24.00 39.69
CA TRP A 45 6.33 -23.02 39.96
C TRP A 45 4.97 -23.71 39.91
N ASN A 46 4.05 -23.24 40.74
CA ASN A 46 2.68 -23.70 40.64
C ASN A 46 1.66 -22.64 41.10
N THR A 47 0.43 -22.79 40.67
CA THR A 47 -0.68 -22.03 41.28
C THR A 47 -1.04 -22.52 42.66
N THR A 48 -0.71 -23.79 42.95
CA THR A 48 -1.29 -24.57 44.05
C THR A 48 -2.64 -25.13 43.62
N PRO A 49 -3.10 -26.20 44.27
CA PRO A 49 -4.25 -26.90 43.70
C PRO A 49 -5.54 -26.25 44.04
N VAL A 50 -6.43 -26.22 43.06
CA VAL A 50 -7.77 -25.74 43.30
C VAL A 50 -8.75 -26.90 43.48
N GLY A 51 -8.35 -28.13 43.17
CA GLY A 51 -9.17 -29.34 43.39
C GLY A 51 -9.60 -29.97 42.08
N PRO A 52 -10.19 -31.16 42.11
CA PRO A 52 -10.72 -31.84 40.92
C PRO A 52 -11.76 -31.05 40.13
N GLY A 53 -12.01 -31.51 38.90
CA GLY A 53 -12.96 -30.85 38.00
C GLY A 53 -12.54 -29.46 37.59
N ALA A 54 -11.27 -29.12 37.82
CA ALA A 54 -10.71 -27.82 37.48
C ALA A 54 -10.21 -27.82 36.05
N LYS A 55 -9.90 -26.64 35.53
CA LYS A 55 -9.43 -26.51 34.19
C LYS A 55 -8.72 -25.17 33.98
N ALA A 56 -7.85 -25.14 32.96
CA ALA A 56 -7.16 -23.93 32.57
C ALA A 56 -7.59 -23.57 31.13
N VAL A 57 -7.92 -22.30 30.93
CA VAL A 57 -8.25 -21.83 29.58
C VAL A 57 -7.57 -20.50 29.19
N MET A 58 -7.13 -20.46 27.95
CA MET A 58 -6.45 -19.34 27.33
C MET A 58 -7.55 -18.47 26.74
N GLU A 59 -7.78 -17.32 27.34
CA GLU A 59 -8.88 -16.44 26.94
C GLU A 59 -8.49 -15.01 27.32
N PHE A 60 -7.59 -14.45 26.54
CA PHE A 60 -6.88 -13.24 26.90
C PHE A 60 -5.99 -13.48 28.10
N ASN A 61 -6.57 -13.57 29.29
CA ASN A 61 -5.81 -14.10 30.42
C ASN A 61 -5.73 -15.57 30.26
N LEU A 62 -4.75 -16.13 30.97
CA LEU A 62 -4.77 -17.55 31.24
C LEU A 62 -5.50 -17.66 32.57
N ASN A 63 -6.59 -18.42 32.57
CA ASN A 63 -7.49 -18.45 33.74
C ASN A 63 -7.68 -19.86 34.22
N LEU A 64 -7.62 -19.99 35.54
CA LEU A 64 -7.75 -21.27 36.18
C LEU A 64 -9.16 -21.32 36.77
N TYR A 65 -9.96 -22.30 36.38
CA TYR A 65 -11.33 -22.43 36.85
C TYR A 65 -11.52 -23.64 37.78
N ASN A 66 -12.46 -23.57 38.72
CA ASN A 66 -12.79 -24.73 39.54
C ASN A 66 -13.99 -25.52 39.04
N LYS A 67 -14.30 -26.63 39.68
CA LYS A 67 -15.46 -27.41 39.32
C LYS A 67 -16.70 -26.54 39.25
N ALA A 68 -16.79 -25.57 40.15
CA ALA A 68 -17.98 -24.74 40.27
C ALA A 68 -18.09 -23.72 39.13
N GLY A 69 -17.00 -23.59 38.36
CA GLY A 69 -16.89 -22.66 37.24
C GLY A 69 -16.40 -21.25 37.59
N GLN A 70 -15.81 -21.08 38.76
CA GLN A 70 -15.24 -19.79 39.18
C GLN A 70 -13.75 -19.74 38.83
N VAL A 71 -13.25 -18.54 38.57
CA VAL A 71 -11.84 -18.32 38.37
C VAL A 71 -11.09 -18.35 39.68
N ALA A 72 -10.14 -19.26 39.82
CA ALA A 72 -9.32 -19.36 41.02
C ALA A 72 -7.92 -18.77 40.88
N TRP A 73 -7.42 -18.64 39.66
CA TRP A 73 -6.09 -18.05 39.51
C TRP A 73 -6.11 -17.40 38.17
N SER A 74 -5.36 -16.33 38.00
CA SER A 74 -5.33 -15.69 36.72
C SER A 74 -3.99 -15.03 36.40
N SER A 75 -3.62 -15.04 35.12
CA SER A 75 -2.48 -14.27 34.73
C SER A 75 -2.68 -12.79 35.14
N ASN A 76 -3.91 -12.32 35.19
CA ASN A 76 -4.20 -10.92 35.56
C ASN A 76 -3.38 -9.89 34.79
N VAL A 77 -3.53 -9.99 33.48
CA VAL A 77 -2.89 -9.13 32.54
C VAL A 77 -3.60 -7.76 32.60
N TYR A 78 -2.80 -6.71 32.68
CA TYR A 78 -3.34 -5.36 32.85
C TYR A 78 -3.87 -4.84 31.52
N THR A 79 -5.18 -4.60 31.42
CA THR A 79 -5.78 -4.24 30.13
C THR A 79 -6.69 -3.04 30.26
N ALA A 80 -6.75 -2.25 29.19
CA ALA A 80 -7.71 -1.17 29.06
C ALA A 80 -9.15 -1.74 29.14
N TYR A 81 -9.55 -2.44 28.07
CA TYR A 81 -10.77 -3.26 28.08
C TYR A 81 -10.39 -4.66 27.71
N LEU A 82 -11.24 -5.59 28.11
CA LEU A 82 -11.11 -6.97 27.70
C LEU A 82 -12.27 -7.25 26.74
N PHE A 83 -12.09 -6.91 25.47
CA PHE A 83 -13.13 -7.18 24.50
C PHE A 83 -13.14 -8.67 24.16
N GLU A 84 -14.34 -9.23 24.08
CA GLU A 84 -14.53 -10.65 23.76
C GLU A 84 -13.71 -11.12 22.57
N GLU A 85 -13.45 -10.22 21.62
CA GLU A 85 -12.63 -10.58 20.47
C GLU A 85 -11.16 -10.81 20.83
N PHE A 86 -10.64 -10.15 21.87
CA PHE A 86 -9.28 -10.45 22.37
C PHE A 86 -9.11 -11.88 22.82
N LYS A 87 -10.14 -12.45 23.45
CA LYS A 87 -10.15 -13.85 23.87
C LYS A 87 -10.08 -14.80 22.70
N ASP A 88 -10.49 -14.33 21.52
CA ASP A 88 -10.37 -15.14 20.32
C ASP A 88 -9.05 -14.98 19.67
N GLU A 89 -8.28 -14.00 20.07
CA GLU A 89 -7.05 -13.65 19.40
C GLU A 89 -5.80 -14.05 20.21
N ALA A 90 -5.86 -14.00 21.54
CA ALA A 90 -4.65 -14.02 22.35
C ALA A 90 -4.12 -15.45 22.50
N TYR A 91 -2.80 -15.56 22.55
CA TYR A 91 -2.21 -16.87 22.58
C TYR A 91 -1.01 -16.89 23.52
N LEU A 92 -0.51 -18.08 23.84
CA LEU A 92 0.52 -18.21 24.87
C LEU A 92 1.68 -19.05 24.39
N ASN A 93 2.88 -18.75 24.85
CA ASN A 93 4.00 -19.56 24.45
C ASN A 93 4.76 -19.96 25.67
N LEU A 94 5.19 -21.22 25.75
CA LEU A 94 6.15 -21.66 26.72
C LEU A 94 7.52 -21.85 26.04
N GLN A 95 8.52 -21.15 26.57
CA GLN A 95 9.82 -21.01 25.96
C GLN A 95 10.90 -21.72 26.77
N ASP A 96 12.09 -21.71 26.18
CA ASP A 96 13.18 -22.60 26.51
C ASP A 96 13.86 -22.37 27.79
N ASP A 97 13.71 -21.20 28.35
CA ASP A 97 14.21 -20.96 29.73
C ASP A 97 13.08 -21.14 30.75
N GLY A 98 11.95 -21.73 30.34
CA GLY A 98 10.83 -21.94 31.22
C GLY A 98 9.83 -20.79 31.48
N ASP A 99 10.14 -19.59 31.00
CA ASP A 99 9.16 -18.50 31.06
C ASP A 99 8.01 -18.83 30.08
N PHE A 100 6.79 -18.39 30.41
CA PHE A 100 5.69 -18.39 29.45
C PHE A 100 5.03 -17.04 29.41
N GLY A 101 4.53 -16.66 28.24
CA GLY A 101 4.04 -15.34 28.03
C GLY A 101 2.86 -15.30 27.09
N ILE A 102 2.13 -14.19 27.17
CA ILE A 102 0.86 -14.02 26.45
C ILE A 102 0.97 -12.92 25.43
N PHE A 103 0.51 -13.22 24.22
CA PHE A 103 0.56 -12.31 23.11
C PHE A 103 -0.85 -12.02 22.67
N SER A 104 -1.12 -10.77 22.33
CA SER A 104 -2.38 -10.38 21.73
C SER A 104 -2.06 -9.34 20.70
N ASP A 105 -2.16 -9.71 19.42
CA ASP A 105 -1.60 -8.99 18.31
C ASP A 105 -2.70 -8.33 17.44
N GLU A 106 -2.56 -7.05 17.10
N GLU A 106 -2.51 -7.06 17.10
CA GLU A 106 -3.57 -6.43 16.23
CA GLU A 106 -3.40 -6.38 16.17
C GLU A 106 -3.11 -6.48 14.78
C GLU A 106 -3.05 -6.80 14.77
N ALA A 107 -4.05 -6.77 13.89
CA ALA A 107 -3.78 -6.90 12.47
C ALA A 107 -3.20 -5.51 12.04
N LYS A 108 -2.13 -5.54 11.27
CA LYS A 108 -1.45 -4.36 10.79
C LYS A 108 -1.87 -4.14 9.40
N TRP A 109 -2.33 -5.17 8.73
CA TRP A 109 -2.70 -5.09 7.34
C TRP A 109 -3.67 -6.21 7.01
N GLY A 110 -4.53 -6.01 6.03
CA GLY A 110 -5.41 -7.07 5.57
C GLY A 110 -5.78 -6.94 4.13
N SER A 111 -6.14 -8.07 3.52
CA SER A 111 -6.57 -8.06 2.15
C SER A 111 -7.92 -7.38 2.06
N ILE A 112 -8.60 -7.25 3.18
CA ILE A 112 -9.87 -6.62 3.20
C ILE A 112 -10.06 -5.96 4.59
N VAL A 113 -10.98 -5.02 4.67
CA VAL A 113 -11.24 -4.28 5.87
C VAL A 113 -12.52 -4.82 6.43
N LEU A 114 -12.45 -5.25 7.66
CA LEU A 114 -13.57 -5.88 8.29
C LEU A 114 -14.40 -4.88 9.06
N SER A 115 -15.68 -4.89 8.75
CA SER A 115 -16.68 -4.17 9.51
C SER A 115 -16.74 -4.66 10.97
N ARG A 116 -16.43 -5.92 11.22
CA ARG A 116 -16.39 -6.50 12.55
C ARG A 116 -15.78 -7.91 12.46
N PRO A 117 -15.34 -8.49 13.62
CA PRO A 117 -14.69 -9.82 13.65
C PRO A 117 -15.50 -10.97 13.03
N GLU A 118 -14.81 -11.89 12.39
CA GLU A 118 -15.46 -13.08 11.84
C GLU A 118 -15.61 -14.11 12.97
N VAL A 119 -16.83 -14.58 13.20
CA VAL A 119 -17.12 -15.52 14.27
C VAL A 119 -16.66 -16.91 13.93
N GLY A 120 -15.88 -17.51 14.82
CA GLY A 120 -15.31 -18.85 14.63
C GLY A 120 -14.35 -18.98 13.44
N VAL A 121 -13.65 -17.90 13.09
CA VAL A 121 -12.69 -17.95 12.02
C VAL A 121 -11.45 -18.73 12.49
N LYS A 122 -10.80 -19.41 11.58
CA LYS A 122 -9.58 -20.10 11.92
C LYS A 122 -8.47 -19.66 10.97
N ASN A 123 -7.30 -19.42 11.55
CA ASN A 123 -6.12 -18.90 10.90
C ASN A 123 -5.06 -19.90 10.71
N LYS A 124 -4.59 -19.97 9.48
CA LYS A 124 -3.43 -20.76 9.16
C LYS A 124 -2.28 -19.74 9.26
N ILE A 125 -1.29 -20.04 10.11
CA ILE A 125 -0.22 -19.11 10.43
C ILE A 125 0.92 -19.28 9.48
N ILE A 126 1.33 -18.20 8.84
CA ILE A 126 2.51 -18.22 7.94
C ILE A 126 3.62 -17.42 8.61
N PRO A 127 4.66 -18.13 9.09
CA PRO A 127 5.57 -17.57 10.07
C PRO A 127 6.63 -16.68 9.47
N THR A 128 7.18 -15.83 10.34
CA THR A 128 8.25 -14.96 10.04
C THR A 128 9.34 -15.73 9.33
N GLY A 129 9.95 -15.16 8.31
CA GLY A 129 11.02 -15.85 7.59
C GLY A 129 10.55 -16.73 6.42
N THR A 130 9.24 -16.96 6.29
CA THR A 130 8.75 -17.71 5.14
C THR A 130 9.11 -17.00 3.84
N VAL A 131 9.73 -17.72 2.95
CA VAL A 131 9.91 -17.28 1.60
C VAL A 131 9.06 -18.09 0.63
N MET A 132 8.00 -17.50 0.09
CA MET A 132 7.21 -18.18 -0.91
C MET A 132 7.86 -18.06 -2.26
N VAL A 133 7.71 -19.15 -2.97
CA VAL A 133 8.41 -19.40 -4.19
C VAL A 133 7.32 -19.80 -5.18
N PRO A 134 7.41 -19.39 -6.43
CA PRO A 134 6.32 -19.75 -7.35
C PRO A 134 5.97 -21.23 -7.27
N GLY A 135 4.68 -21.57 -7.21
CA GLY A 135 4.25 -22.92 -6.85
C GLY A 135 3.86 -23.13 -5.38
N THR A 136 4.30 -22.30 -4.46
CA THR A 136 3.86 -22.42 -3.08
C THR A 136 2.33 -22.19 -2.97
N GLU A 137 1.65 -22.99 -2.17
CA GLU A 137 0.23 -22.74 -1.84
C GLU A 137 -0.11 -23.13 -0.40
N TYR A 138 -1.17 -22.53 0.13
CA TYR A 138 -1.61 -22.82 1.50
C TYR A 138 -3.10 -23.06 1.43
N ILE A 139 -3.60 -24.02 2.19
CA ILE A 139 -5.01 -24.35 2.16
C ILE A 139 -5.62 -24.26 3.54
N ASN A 140 -6.77 -23.60 3.65
CA ASN A 140 -7.52 -23.50 4.88
C ASN A 140 -8.99 -23.58 4.55
N GLY A 141 -9.65 -24.69 4.86
CA GLY A 141 -11.05 -24.91 4.48
C GLY A 141 -11.24 -24.95 2.99
N ASN A 142 -12.17 -24.16 2.48
CA ASN A 142 -12.45 -24.04 1.06
C ASN A 142 -11.72 -22.84 0.37
N TYR A 143 -10.55 -22.44 0.90
CA TYR A 143 -9.74 -21.40 0.29
C TYR A 143 -8.27 -21.78 0.22
N ARG A 144 -7.60 -21.17 -0.75
CA ARG A 144 -6.27 -21.53 -1.16
C ARG A 144 -5.54 -20.20 -1.42
N LEU A 145 -4.37 -20.06 -0.81
CA LEU A 145 -3.51 -18.94 -1.07
C LEU A 145 -2.36 -19.47 -1.86
N ALA A 146 -2.19 -18.94 -3.07
CA ALA A 146 -1.12 -19.42 -3.98
C ALA A 146 -0.23 -18.27 -4.42
N PHE A 147 1.06 -18.56 -4.38
CA PHE A 147 2.07 -17.77 -5.01
C PHE A 147 2.46 -18.49 -6.26
N GLN A 148 2.05 -17.95 -7.36
CA GLN A 148 2.00 -18.69 -8.59
C GLN A 148 3.24 -18.62 -9.45
N GLY A 149 3.32 -19.56 -10.39
CA GLY A 149 4.35 -19.53 -11.39
C GLY A 149 4.47 -18.17 -12.07
N ASP A 150 3.33 -17.53 -12.38
CA ASP A 150 3.37 -16.22 -13.04
C ASP A 150 3.71 -15.05 -12.09
N GLY A 151 3.98 -15.35 -10.80
CA GLY A 151 4.25 -14.30 -9.77
C GLY A 151 3.07 -13.66 -9.02
N ASN A 152 1.88 -13.92 -9.47
CA ASN A 152 0.71 -13.41 -8.82
C ASN A 152 0.53 -14.09 -7.46
N LEU A 153 0.07 -13.35 -6.47
CA LEU A 153 -0.33 -13.89 -5.15
C LEU A 153 -1.82 -13.82 -5.15
N VAL A 154 -2.46 -14.98 -5.08
CA VAL A 154 -3.90 -15.10 -5.34
C VAL A 154 -4.60 -15.87 -4.24
N ILE A 155 -5.77 -15.39 -3.83
CA ILE A 155 -6.61 -16.17 -2.96
C ILE A 155 -7.76 -16.66 -3.83
N TYR A 156 -7.91 -17.99 -3.86
CA TYR A 156 -9.00 -18.66 -4.54
C TYR A 156 -9.93 -19.36 -3.52
N GLN A 157 -11.23 -19.32 -3.82
CA GLN A 157 -12.14 -20.26 -3.26
C GLN A 157 -11.92 -21.53 -4.02
N ILE A 158 -11.83 -22.65 -3.31
CA ILE A 158 -11.48 -23.90 -3.96
C ILE A 158 -12.67 -24.45 -4.75
N ASN A 159 -13.75 -24.83 -4.07
CA ASN A 159 -14.95 -25.35 -4.81
C ASN A 159 -16.17 -24.46 -4.55
N PRO A 160 -16.76 -23.90 -5.61
CA PRO A 160 -16.23 -23.83 -6.97
C PRO A 160 -15.08 -22.85 -6.99
N GLN A 161 -14.30 -22.92 -8.06
CA GLN A 161 -13.13 -22.09 -8.15
C GLN A 161 -13.41 -20.61 -8.46
N VAL A 162 -13.01 -19.73 -7.56
CA VAL A 162 -13.31 -18.32 -7.72
C VAL A 162 -12.19 -17.44 -7.18
N VAL A 163 -11.76 -16.48 -7.99
CA VAL A 163 -10.77 -15.53 -7.50
C VAL A 163 -11.42 -14.61 -6.46
N ILE A 164 -10.78 -14.53 -5.29
CA ILE A 164 -11.27 -13.66 -4.19
C ILE A 164 -10.40 -12.43 -4.05
N TRP A 165 -9.11 -12.52 -4.36
CA TRP A 165 -8.21 -11.38 -4.18
C TRP A 165 -6.92 -11.73 -4.89
N ALA A 166 -6.25 -10.72 -5.40
CA ALA A 166 -4.93 -10.93 -6.00
C ALA A 166 -4.10 -9.66 -5.99
N THR A 167 -2.79 -9.80 -6.06
CA THR A 167 -1.89 -8.66 -6.04
C THR A 167 -1.50 -8.27 -7.42
N TYR A 168 -1.63 -9.16 -8.40
CA TYR A 168 -1.23 -8.85 -9.80
C TYR A 168 0.24 -8.50 -9.96
N THR A 169 1.07 -9.15 -9.19
CA THR A 169 2.48 -8.89 -9.19
C THR A 169 3.18 -9.81 -10.17
N MET A 170 2.81 -9.65 -11.43
CA MET A 170 3.29 -10.52 -12.50
C MET A 170 4.84 -10.49 -12.60
N GLY A 171 5.42 -11.67 -12.68
CA GLY A 171 6.86 -11.80 -12.74
C GLY A 171 7.60 -11.87 -11.40
N ALA A 172 6.90 -11.71 -10.28
CA ALA A 172 7.54 -11.84 -9.01
C ALA A 172 8.16 -13.21 -8.97
N ASP A 173 9.27 -13.30 -8.29
CA ASP A 173 9.92 -14.58 -8.09
C ASP A 173 10.02 -14.97 -6.61
N ARG A 174 9.57 -14.08 -5.73
CA ARG A 174 9.49 -14.42 -4.30
C ARG A 174 8.64 -13.44 -3.51
N ALA A 175 8.02 -13.95 -2.44
CA ALA A 175 7.33 -13.14 -1.41
C ALA A 175 7.86 -13.55 -0.04
N VAL A 176 8.27 -12.56 0.74
CA VAL A 176 8.98 -12.76 1.99
C VAL A 176 8.24 -12.10 3.17
N VAL A 177 7.95 -12.92 4.18
CA VAL A 177 7.38 -12.46 5.46
C VAL A 177 8.59 -12.04 6.34
N GLN A 178 8.83 -10.74 6.46
CA GLN A 178 10.15 -10.28 6.90
C GLN A 178 10.25 -10.04 8.37
N GLU A 179 11.46 -10.16 8.89
CA GLU A 179 11.79 -9.87 10.29
C GLU A 179 11.54 -8.42 10.68
N ASP A 180 11.58 -7.52 9.70
CA ASP A 180 11.36 -6.11 9.93
C ASP A 180 9.89 -5.73 10.03
N GLY A 181 9.03 -6.69 9.79
CA GLY A 181 7.58 -6.47 9.91
C GLY A 181 6.77 -6.38 8.62
N ASN A 182 7.47 -6.31 7.48
CA ASN A 182 6.84 -6.11 6.19
C ASN A 182 6.65 -7.46 5.46
N PHE A 183 5.60 -7.49 4.65
CA PHE A 183 5.39 -8.63 3.74
C PHE A 183 5.57 -8.01 2.39
N VAL A 184 6.55 -8.53 1.65
CA VAL A 184 7.04 -7.95 0.42
C VAL A 184 7.14 -9.02 -0.66
N ILE A 185 6.57 -8.70 -1.82
CA ILE A 185 6.67 -9.48 -3.04
C ILE A 185 7.72 -8.85 -3.94
N TYR A 186 8.63 -9.65 -4.46
CA TYR A 186 9.85 -9.15 -5.16
C TYR A 186 10.03 -9.81 -6.51
N LYS A 187 10.61 -9.05 -7.46
CA LYS A 187 11.41 -9.64 -8.58
C LYS A 187 12.85 -9.25 -8.30
N GLY A 188 13.66 -10.25 -8.08
CA GLY A 188 15.00 -10.00 -7.61
C GLY A 188 15.03 -9.19 -6.33
N THR A 189 15.65 -8.02 -6.38
CA THR A 189 15.63 -7.09 -5.27
C THR A 189 14.57 -6.01 -5.46
N THR A 190 13.84 -6.02 -6.56
CA THR A 190 12.83 -5.04 -6.76
C THR A 190 11.51 -5.47 -6.11
N ALA A 191 11.11 -4.68 -5.11
CA ALA A 191 9.80 -4.78 -4.46
C ALA A 191 8.64 -4.34 -5.39
N LEU A 192 7.79 -5.26 -5.77
CA LEU A 192 6.67 -4.97 -6.63
C LEU A 192 5.45 -4.59 -5.85
N TRP A 193 5.40 -4.97 -4.56
CA TRP A 193 4.19 -4.85 -3.73
C TRP A 193 4.59 -5.16 -2.29
N HIS A 194 4.05 -4.44 -1.33
CA HIS A 194 4.25 -4.74 0.05
C HIS A 194 3.16 -4.15 0.92
N THR A 195 3.16 -4.52 2.19
CA THR A 195 2.05 -4.20 3.10
C THR A 195 2.26 -2.85 3.81
N HIS A 196 3.44 -2.30 3.73
CA HIS A 196 3.75 -1.02 4.39
C HIS A 196 3.75 -1.17 5.87
N THR A 197 4.33 -2.25 6.40
CA THR A 197 4.30 -2.53 7.85
C THR A 197 5.69 -2.78 8.44
N ALA A 198 6.68 -2.11 7.85
CA ALA A 198 8.03 -2.16 8.35
C ALA A 198 8.06 -1.41 9.66
N THR A 199 8.14 -2.13 10.77
CA THR A 199 8.19 -1.58 12.08
C THR A 199 9.43 -2.06 12.83
N GLY A 200 10.14 -3.08 12.35
CA GLY A 200 11.20 -3.70 13.16
C GLY A 200 10.72 -4.78 14.11
N MET A 201 9.41 -5.04 14.14
CA MET A 201 8.83 -6.18 14.88
C MET A 201 8.40 -7.19 13.83
N PRO A 202 8.86 -8.45 13.96
CA PRO A 202 8.66 -9.45 12.93
C PRO A 202 7.20 -9.68 12.56
N ALA A 203 7.02 -9.93 11.27
CA ALA A 203 5.72 -10.21 10.71
C ALA A 203 5.36 -11.68 10.72
N TYR A 204 4.06 -11.92 10.83
CA TYR A 204 3.53 -13.18 10.40
C TYR A 204 2.22 -12.94 9.72
N LEU A 205 1.76 -13.94 8.98
CA LEU A 205 0.55 -13.77 8.19
C LEU A 205 -0.51 -14.70 8.75
N LYS A 206 -1.77 -14.28 8.64
CA LYS A 206 -2.87 -15.20 8.93
C LYS A 206 -3.71 -15.36 7.69
N PHE A 207 -3.87 -16.59 7.25
CA PHE A 207 -4.73 -16.89 6.11
C PHE A 207 -5.97 -17.62 6.60
N THR A 208 -7.14 -16.99 6.41
CA THR A 208 -8.34 -17.50 7.11
C THR A 208 -9.02 -18.52 6.27
N ASN A 209 -9.95 -19.25 6.91
CA ASN A 209 -10.87 -20.15 6.23
C ASN A 209 -12.12 -19.45 5.71
N THR A 210 -12.05 -18.11 5.69
CA THR A 210 -13.03 -17.26 5.05
C THR A 210 -12.42 -16.52 3.88
N GLY A 211 -11.22 -16.93 3.47
CA GLY A 211 -10.67 -16.40 2.22
C GLY A 211 -10.04 -15.01 2.35
N LYS A 212 -9.35 -14.79 3.46
CA LYS A 212 -8.71 -13.52 3.74
C LYS A 212 -7.31 -13.69 4.29
N LEU A 213 -6.50 -12.66 4.08
CA LEU A 213 -5.14 -12.64 4.55
C LEU A 213 -4.88 -11.38 5.39
N PHE A 214 -4.22 -11.58 6.53
CA PHE A 214 -3.88 -10.46 7.42
C PHE A 214 -2.42 -10.65 7.81
N LEU A 215 -1.78 -9.53 8.13
CA LEU A 215 -0.43 -9.54 8.69
C LEU A 215 -0.56 -9.01 10.11
N SER A 216 0.03 -9.68 11.06
CA SER A 216 0.17 -9.18 12.41
C SER A 216 1.62 -9.25 12.86
N GLN A 217 1.89 -8.61 13.98
CA GLN A 217 3.20 -8.65 14.64
C GLN A 217 3.06 -8.96 16.13
N PRO A 218 3.97 -9.71 16.71
CA PRO A 218 3.76 -10.12 18.10
C PRO A 218 3.80 -8.96 19.07
N THR A 219 2.80 -8.92 19.97
CA THR A 219 2.71 -7.92 20.99
C THR A 219 2.67 -8.68 22.29
N LEU A 220 3.82 -8.80 22.90
CA LEU A 220 3.94 -9.54 24.14
C LEU A 220 3.45 -8.67 25.31
N LEU A 221 2.34 -9.07 25.95
CA LEU A 221 1.75 -8.31 27.05
C LEU A 221 2.19 -8.73 28.46
N TRP A 222 2.62 -9.97 28.66
CA TRP A 222 2.81 -10.48 29.99
C TRP A 222 3.61 -11.79 29.98
N THR A 223 4.54 -11.92 30.92
CA THR A 223 5.16 -13.21 31.13
C THR A 223 5.05 -13.60 32.60
N LEU A 224 5.10 -14.89 32.88
CA LEU A 224 5.20 -15.32 34.28
C LEU A 224 6.31 -14.62 35.06
N LYS A 225 7.49 -14.44 34.47
CA LYS A 225 8.63 -13.92 35.23
C LYS A 225 8.71 -12.39 35.22
N ARG A 226 8.15 -11.78 34.19
CA ARG A 226 8.22 -10.34 34.07
C ARG A 226 6.88 -9.62 34.33
N GLY A 227 5.82 -10.37 34.62
CA GLY A 227 4.48 -9.81 34.76
C GLY A 227 4.08 -8.94 33.56
N SER A 228 3.14 -8.02 33.82
CA SER A 228 2.55 -7.21 32.76
C SER A 228 3.54 -6.22 32.24
N LEU A 229 3.49 -5.97 30.93
CA LEU A 229 4.46 -5.15 30.21
C LEU A 229 3.76 -4.00 29.45
N SER A 230 4.17 -2.76 29.70
CA SER A 230 3.45 -1.60 29.15
C SER A 230 3.83 -1.36 27.69
N LYS A 231 5.11 -1.63 27.39
CA LYS A 231 5.62 -1.69 26.02
C LYS A 231 6.08 -3.13 25.66
N PRO A 232 5.56 -3.68 24.55
CA PRO A 232 5.94 -5.01 24.05
C PRO A 232 7.38 -5.05 23.53
N PRO A 233 8.21 -5.96 24.06
CA PRO A 233 9.60 -6.05 23.64
C PRO A 233 9.79 -6.74 22.33
N LYS A 234 11.00 -6.63 21.81
CA LYS A 234 11.37 -7.23 20.58
C LYS A 234 11.59 -8.71 20.88
N VAL A 235 10.87 -9.54 20.14
CA VAL A 235 10.94 -10.97 20.30
C VAL A 235 11.42 -11.52 18.98
N ILE A 236 11.82 -12.78 18.98
CA ILE A 236 12.36 -13.39 17.78
C ILE A 236 11.59 -14.67 17.45
N PRO A 237 11.43 -14.93 16.14
CA PRO A 237 10.75 -16.14 15.71
C PRO A 237 11.31 -17.29 16.47
N GLY A 238 10.41 -18.13 16.98
CA GLY A 238 10.85 -19.36 17.61
C GLY A 238 10.80 -20.56 16.68
N GLN A 239 10.95 -21.71 17.26
CA GLN A 239 11.02 -22.94 16.48
C GLN A 239 9.58 -23.42 16.32
N HIS A 240 9.08 -23.25 15.10
CA HIS A 240 7.76 -23.74 14.73
C HIS A 240 7.76 -25.27 15.04
N GLY A 241 6.70 -25.77 15.67
CA GLY A 241 6.66 -27.19 16.04
C GLY A 241 5.80 -27.99 15.08
N PRO A 242 6.07 -29.32 14.96
CA PRO A 242 5.50 -30.16 13.90
C PRO A 242 4.14 -29.63 13.52
N LEU A 243 3.14 -29.70 14.41
CA LEU A 243 2.14 -28.66 14.39
C LEU A 243 1.79 -27.94 15.74
N ASP A 244 2.15 -26.64 15.74
CA ASP A 244 1.61 -25.63 16.65
C ASP A 244 0.63 -24.86 15.83
N THR A 245 -0.29 -24.23 16.48
CA THR A 245 -1.38 -23.54 15.85
C THR A 245 -1.21 -22.06 15.90
N THR A 246 -0.31 -21.62 16.75
CA THR A 246 -0.10 -20.23 16.96
C THR A 246 1.31 -19.88 16.42
N PRO A 247 1.60 -18.62 16.31
CA PRO A 247 2.97 -18.19 16.25
C PRO A 247 3.77 -18.64 17.46
N ILE A 248 5.08 -18.74 17.29
CA ILE A 248 5.96 -19.18 18.31
C ILE A 248 7.10 -18.16 18.38
N TRP A 249 7.37 -17.68 19.60
CA TRP A 249 8.43 -16.68 19.81
C TRP A 249 9.34 -17.02 20.96
N SER A 250 10.50 -16.38 21.01
CA SER A 250 11.22 -16.30 22.26
C SER A 250 11.51 -14.85 22.59
N TRP A 251 11.80 -14.60 23.86
CA TRP A 251 12.18 -13.26 24.34
C TRP A 251 13.40 -13.27 25.29
N PRO A 252 14.29 -12.26 25.22
CA PRO A 252 15.48 -12.16 26.07
C PRO A 252 15.15 -12.26 27.54
N HIS A 253 16.11 -12.68 28.37
CA HIS A 253 15.86 -12.86 29.82
C HIS A 253 15.98 -11.50 30.57
N ASP A 254 16.92 -10.64 30.15
CA ASP A 254 17.15 -9.33 30.77
C ASP A 254 17.24 -8.27 29.65
N TYR A 255 17.97 -7.17 29.86
CA TYR A 255 18.19 -6.16 28.82
C TYR A 255 19.67 -5.93 28.52
N ALA B 2 -6.99 26.13 -25.01
CA ALA B 2 -6.03 25.24 -24.21
C ALA B 2 -5.01 26.12 -23.50
N SER B 3 -4.59 25.70 -22.31
CA SER B 3 -3.75 26.52 -21.49
C SER B 3 -2.43 25.90 -21.23
N SER B 4 -2.07 24.95 -22.07
CA SER B 4 -0.98 24.08 -21.78
C SER B 4 -0.39 23.55 -23.05
N LEU B 5 0.85 23.13 -22.96
CA LEU B 5 1.50 22.44 -24.05
C LEU B 5 1.90 21.01 -23.62
N ALA B 6 1.76 20.08 -24.53
CA ALA B 6 1.92 18.69 -24.22
C ALA B 6 3.29 18.20 -24.66
N PRO B 7 3.75 17.08 -24.11
CA PRO B 7 5.11 16.71 -24.44
C PRO B 7 5.28 16.59 -25.94
N ARG B 8 6.37 17.18 -26.45
CA ARG B 8 6.75 17.19 -27.89
C ARG B 8 5.85 18.03 -28.78
N GLN B 9 4.88 18.71 -28.19
CA GLN B 9 3.96 19.51 -28.98
C GLN B 9 4.79 20.61 -29.59
N VAL B 10 4.40 20.98 -30.80
CA VAL B 10 5.11 21.99 -31.57
C VAL B 10 4.09 23.09 -31.82
N ILE B 11 4.46 24.34 -31.53
CA ILE B 11 3.69 25.44 -32.07
C ILE B 11 4.50 26.30 -33.06
N ARG B 12 3.79 27.00 -33.95
CA ARG B 12 4.41 27.87 -34.95
C ARG B 12 3.34 28.76 -35.57
N ASP B 13 3.78 29.69 -36.42
CA ASP B 13 2.88 30.45 -37.31
C ASP B 13 1.58 30.92 -36.67
N GLY B 14 1.67 31.56 -35.51
CA GLY B 14 0.51 32.19 -34.91
C GLY B 14 -0.27 31.31 -33.97
N GLN B 15 0.12 30.04 -33.87
CA GLN B 15 -0.46 29.13 -32.88
C GLN B 15 -0.11 29.61 -31.47
N PHE B 16 -1.00 29.38 -30.51
CA PHE B 16 -0.89 29.95 -29.17
C PHE B 16 -1.65 29.16 -28.10
N ILE B 17 -1.32 29.39 -26.82
CA ILE B 17 -2.14 28.93 -25.71
C ILE B 17 -2.62 30.14 -24.93
N THR B 18 -3.67 29.94 -24.13
CA THR B 18 -4.33 31.00 -23.39
C THR B 18 -4.55 30.55 -21.95
N SER B 19 -4.28 31.43 -20.99
CA SER B 19 -4.56 31.15 -19.58
C SER B 19 -6.04 30.94 -19.37
N PRO B 20 -6.44 30.15 -18.35
CA PRO B 20 -7.85 29.79 -18.11
C PRO B 20 -8.81 30.97 -18.21
N ASN B 21 -8.45 32.10 -17.59
CA ASN B 21 -9.30 33.27 -17.58
C ASN B 21 -9.20 34.10 -18.85
N GLY B 22 -8.51 33.59 -19.87
CA GLY B 22 -8.39 34.29 -21.15
C GLY B 22 -7.51 35.54 -21.22
N LYS B 23 -6.97 35.99 -20.09
CA LYS B 23 -6.27 37.28 -20.04
C LYS B 23 -4.86 37.25 -20.62
N TYR B 24 -4.18 36.12 -20.49
CA TYR B 24 -2.84 35.99 -21.03
C TYR B 24 -2.79 35.00 -22.16
N LYS B 25 -1.89 35.27 -23.10
CA LYS B 25 -1.80 34.53 -24.34
C LYS B 25 -0.34 34.42 -24.78
N LEU B 26 0.19 33.19 -24.82
CA LEU B 26 1.51 32.90 -25.34
C LEU B 26 1.43 32.35 -26.76
N VAL B 27 1.94 33.15 -27.71
CA VAL B 27 1.83 32.87 -29.14
C VAL B 27 3.20 32.87 -29.81
N MET B 28 3.43 31.84 -30.63
CA MET B 28 4.66 31.67 -31.42
C MET B 28 4.44 32.21 -32.84
N GLN B 29 4.78 33.47 -33.05
CA GLN B 29 4.34 34.19 -34.26
C GLN B 29 5.12 33.80 -35.51
N ALA B 30 4.45 33.89 -36.66
CA ALA B 30 5.06 33.68 -37.98
C ALA B 30 6.37 34.47 -38.24
N ASP B 31 6.50 35.67 -37.66
CA ASP B 31 7.78 36.43 -37.75
C ASP B 31 8.90 35.83 -36.88
N GLY B 32 8.58 34.77 -36.16
CA GLY B 32 9.56 34.15 -35.28
C GLY B 32 9.69 34.82 -33.92
N ASN B 33 8.76 35.69 -33.53
CA ASN B 33 8.76 36.13 -32.14
C ASN B 33 7.84 35.25 -31.30
N LEU B 34 8.34 34.81 -30.14
CA LEU B 34 7.53 34.13 -29.14
C LEU B 34 7.15 35.17 -28.11
N VAL B 35 5.86 35.47 -27.99
CA VAL B 35 5.45 36.56 -27.11
C VAL B 35 4.33 36.19 -26.16
N LEU B 36 4.34 36.86 -25.03
CA LEU B 36 3.31 36.77 -24.04
C LEU B 36 2.54 38.09 -24.06
N TYR B 37 1.24 38.03 -24.26
CA TYR B 37 0.41 39.24 -24.28
C TYR B 37 -0.54 39.26 -23.09
N GLU B 38 -0.80 40.47 -22.60
CA GLU B 38 -1.87 40.71 -21.63
C GLU B 38 -3.02 41.40 -22.35
N ASP B 39 -4.23 40.88 -22.16
CA ASP B 39 -5.43 41.43 -22.82
C ASP B 39 -5.26 41.56 -24.35
N GLY B 40 -4.66 40.53 -24.93
CA GLY B 40 -4.60 40.37 -26.37
C GLY B 40 -3.52 41.16 -27.05
N THR B 41 -3.43 42.45 -26.70
CA THR B 41 -2.54 43.40 -27.38
C THR B 41 -1.29 43.88 -26.59
N LYS B 42 -1.35 43.86 -25.25
CA LYS B 42 -0.28 44.48 -24.45
C LYS B 42 0.84 43.44 -24.08
N PRO B 43 2.03 43.57 -24.71
CA PRO B 43 3.04 42.52 -24.60
C PRO B 43 3.78 42.58 -23.29
N ILE B 44 3.76 41.47 -22.57
CA ILE B 44 4.34 41.40 -21.25
C ILE B 44 5.82 40.94 -21.29
N TRP B 45 6.10 40.03 -22.24
CA TRP B 45 7.43 39.43 -22.43
C TRP B 45 7.60 38.89 -23.83
N ASN B 46 8.78 38.97 -24.41
CA ASN B 46 9.00 38.29 -25.68
C ASN B 46 10.47 38.01 -25.91
N THR B 47 10.73 37.07 -26.80
CA THR B 47 12.09 36.69 -27.15
C THR B 47 12.71 37.70 -28.09
N THR B 48 11.86 38.48 -28.78
CA THR B 48 12.21 39.24 -30.00
C THR B 48 12.27 38.27 -31.17
N PRO B 49 12.07 38.77 -32.40
CA PRO B 49 11.88 37.83 -33.53
C PRO B 49 13.15 37.15 -34.02
N VAL B 50 13.07 35.86 -34.36
CA VAL B 50 14.19 35.17 -35.00
C VAL B 50 13.94 34.96 -36.49
N GLY B 51 12.84 35.50 -37.01
CA GLY B 51 12.53 35.39 -38.42
C GLY B 51 11.70 34.16 -38.78
N PRO B 52 11.15 34.13 -40.01
CA PRO B 52 10.24 33.07 -40.51
C PRO B 52 10.83 31.67 -40.51
N GLY B 53 9.96 30.67 -40.65
CA GLY B 53 10.40 29.29 -40.64
C GLY B 53 10.87 28.85 -39.28
N ALA B 54 10.56 29.65 -38.25
CA ALA B 54 10.88 29.31 -36.88
C ALA B 54 9.67 28.63 -36.23
N LYS B 55 9.93 27.98 -35.09
CA LYS B 55 8.94 27.18 -34.35
C LYS B 55 9.33 27.09 -32.88
N ALA B 56 8.37 26.78 -32.01
CA ALA B 56 8.63 26.52 -30.58
C ALA B 56 8.19 25.12 -30.22
N VAL B 57 8.99 24.42 -29.44
CA VAL B 57 8.66 23.04 -29.13
C VAL B 57 8.89 22.65 -27.66
N MET B 58 7.89 21.97 -27.10
CA MET B 58 7.89 21.62 -25.73
C MET B 58 8.62 20.31 -25.65
N GLU B 59 9.82 20.33 -25.10
CA GLU B 59 10.68 19.14 -25.10
C GLU B 59 11.62 19.11 -23.89
N PHE B 60 11.05 18.82 -22.72
CA PHE B 60 11.63 19.21 -21.44
C PHE B 60 11.83 20.75 -21.30
N ASN B 61 12.79 21.33 -21.99
CA ASN B 61 12.74 22.77 -22.16
C ASN B 61 11.64 23.12 -23.12
N LEU B 62 11.26 24.40 -23.10
CA LEU B 62 10.59 24.98 -24.21
C LEU B 62 11.72 25.59 -25.00
N ASN B 63 11.88 25.15 -26.24
CA ASN B 63 12.93 25.66 -27.11
C ASN B 63 12.39 26.36 -28.36
N LEU B 64 13.02 27.48 -28.66
CA LEU B 64 12.73 28.25 -29.85
C LEU B 64 13.77 27.96 -30.97
N TYR B 65 13.33 27.35 -32.08
CA TYR B 65 14.21 27.02 -33.21
C TYR B 65 14.02 27.94 -34.40
N ASN B 66 15.12 28.33 -35.06
CA ASN B 66 15.03 29.15 -36.29
C ASN B 66 14.91 28.27 -37.50
N LYS B 67 14.54 28.87 -38.64
CA LYS B 67 14.41 28.07 -39.86
C LYS B 67 15.57 27.05 -39.91
N ALA B 68 16.81 27.65 -39.78
CA ALA B 68 18.05 26.88 -39.84
C ALA B 68 18.15 25.68 -38.87
N GLY B 69 17.33 25.67 -37.82
CA GLY B 69 17.30 24.55 -36.88
C GLY B 69 18.19 24.75 -35.67
N GLN B 70 18.67 25.98 -35.46
CA GLN B 70 19.39 26.34 -34.23
C GLN B 70 18.42 26.75 -33.13
N VAL B 71 18.75 26.39 -31.89
CA VAL B 71 18.01 26.84 -30.72
C VAL B 71 18.28 28.33 -30.46
N ALA B 72 17.27 29.17 -30.71
CA ALA B 72 17.43 30.62 -30.52
C ALA B 72 17.19 31.08 -29.08
N TRP B 73 16.16 30.58 -28.46
CA TRP B 73 15.87 30.90 -27.06
C TRP B 73 15.45 29.59 -26.43
N SER B 74 15.61 29.51 -25.12
CA SER B 74 15.29 28.31 -24.41
C SER B 74 14.94 28.67 -22.99
N SER B 75 13.97 27.95 -22.45
CA SER B 75 13.74 27.98 -21.01
C SER B 75 15.00 27.59 -20.23
N ASN B 76 15.92 26.85 -20.84
N ASN B 76 15.88 26.80 -20.84
CA ASN B 76 17.18 26.47 -20.18
CA ASN B 76 17.16 26.45 -20.22
C ASN B 76 16.97 25.99 -18.75
C ASN B 76 16.99 25.97 -18.77
N VAL B 77 16.17 24.94 -18.62
CA VAL B 77 15.82 24.39 -17.34
C VAL B 77 16.99 23.57 -16.86
N TYR B 78 17.41 23.82 -15.62
CA TYR B 78 18.64 23.27 -15.10
C TYR B 78 18.43 21.92 -14.48
N THR B 79 19.45 21.07 -14.63
CA THR B 79 19.29 19.63 -14.50
C THR B 79 20.59 18.93 -14.90
N ALA B 80 21.04 17.99 -14.07
CA ALA B 80 22.18 17.12 -14.39
C ALA B 80 21.67 16.00 -15.28
N TYR B 81 20.48 15.56 -14.90
CA TYR B 81 19.59 14.72 -15.70
C TYR B 81 19.32 15.36 -17.10
N LEU B 82 19.22 14.54 -18.15
CA LEU B 82 19.16 15.04 -19.54
C LEU B 82 18.36 14.14 -20.49
N PHE B 83 17.69 13.15 -19.95
CA PHE B 83 17.33 11.97 -20.74
C PHE B 83 16.18 12.20 -21.69
N GLU B 84 16.22 11.51 -22.82
CA GLU B 84 15.17 11.59 -23.85
C GLU B 84 13.76 11.26 -23.37
N GLU B 85 13.62 10.51 -22.29
N GLU B 85 13.65 10.50 -22.27
CA GLU B 85 12.30 10.19 -21.76
CA GLU B 85 12.35 10.16 -21.71
C GLU B 85 11.64 11.37 -21.03
C GLU B 85 11.65 11.36 -21.04
N PHE B 86 12.43 12.35 -20.60
CA PHE B 86 11.86 13.58 -19.99
C PHE B 86 11.14 14.44 -21.01
N LYS B 87 11.75 14.57 -22.18
CA LYS B 87 11.11 15.26 -23.31
C LYS B 87 9.71 14.66 -23.64
N ASP B 88 9.50 13.38 -23.32
CA ASP B 88 8.18 12.77 -23.54
C ASP B 88 7.22 12.96 -22.37
N GLU B 89 7.71 13.47 -21.26
CA GLU B 89 6.93 13.55 -20.03
C GLU B 89 6.53 14.99 -19.68
N ALA B 90 7.48 15.91 -19.81
CA ALA B 90 7.36 17.28 -19.36
C ALA B 90 6.36 18.08 -20.14
N TYR B 91 5.62 18.93 -19.44
CA TYR B 91 4.51 19.74 -20.01
C TYR B 91 4.51 21.19 -19.45
N LEU B 92 3.70 22.06 -20.05
CA LEU B 92 3.75 23.49 -19.69
C LEU B 92 2.37 24.04 -19.46
N ASN B 93 2.23 24.88 -18.43
CA ASN B 93 0.94 25.57 -18.16
C ASN B 93 1.17 27.06 -18.15
N LEU B 94 0.17 27.78 -18.63
CA LEU B 94 0.14 29.23 -18.63
C LEU B 94 -1.02 29.59 -17.74
N GLN B 95 -0.72 30.17 -16.59
CA GLN B 95 -1.73 30.41 -15.57
C GLN B 95 -2.17 31.88 -15.54
N ASP B 96 -3.10 32.16 -14.66
CA ASP B 96 -3.97 33.31 -14.78
C ASP B 96 -3.28 34.63 -14.57
N ASP B 97 -2.17 34.63 -13.83
CA ASP B 97 -1.40 35.86 -13.62
C ASP B 97 -0.30 36.05 -14.67
N GLY B 98 -0.26 35.18 -15.68
CA GLY B 98 0.63 35.41 -16.82
C GLY B 98 1.97 34.70 -16.71
N ASP B 99 2.23 34.06 -15.58
CA ASP B 99 3.42 33.24 -15.47
C ASP B 99 3.14 31.87 -16.14
N PHE B 100 4.19 31.26 -16.70
CA PHE B 100 4.07 29.92 -17.23
C PHE B 100 5.21 29.07 -16.76
N GLY B 101 4.91 27.78 -16.62
CA GLY B 101 5.84 26.86 -15.99
C GLY B 101 5.84 25.47 -16.56
N ILE B 102 6.91 24.74 -16.24
CA ILE B 102 7.21 23.45 -16.83
C ILE B 102 7.28 22.44 -15.71
N PHE B 103 6.46 21.41 -15.83
CA PHE B 103 6.41 20.33 -14.88
C PHE B 103 7.06 19.11 -15.53
N SER B 104 7.62 18.25 -14.70
CA SER B 104 8.13 16.96 -15.12
C SER B 104 8.01 16.08 -13.95
N ASP B 105 6.96 15.26 -13.99
CA ASP B 105 6.48 14.57 -12.84
C ASP B 105 6.93 13.09 -12.81
N GLU B 106 7.19 12.58 -11.61
CA GLU B 106 7.51 11.18 -11.41
C GLU B 106 6.28 10.44 -10.86
N ALA B 107 6.06 9.22 -11.36
CA ALA B 107 4.98 8.39 -10.87
C ALA B 107 5.34 7.89 -9.51
N LYS B 108 4.38 7.95 -8.62
CA LYS B 108 4.56 7.68 -7.23
C LYS B 108 4.00 6.32 -6.89
N TRP B 109 3.06 5.87 -7.72
CA TRP B 109 2.44 4.57 -7.59
C TRP B 109 2.04 4.09 -8.96
N GLY B 110 1.96 2.80 -9.13
CA GLY B 110 1.47 2.19 -10.38
C GLY B 110 0.79 0.86 -10.14
N SER B 111 -0.16 0.50 -10.97
CA SER B 111 -0.76 -0.85 -10.90
C SER B 111 0.29 -1.91 -11.26
N ILE B 112 1.42 -1.47 -11.74
CA ILE B 112 2.44 -2.36 -12.19
C ILE B 112 3.76 -1.60 -12.17
N VAL B 113 4.84 -2.33 -11.93
CA VAL B 113 6.17 -1.77 -11.93
C VAL B 113 6.80 -2.12 -13.30
N LEU B 114 7.07 -1.11 -14.12
CA LEU B 114 7.61 -1.33 -15.45
C LEU B 114 9.12 -1.52 -15.35
N SER B 115 9.67 -2.43 -16.18
CA SER B 115 11.13 -2.51 -16.45
C SER B 115 11.69 -1.36 -17.32
N ARG B 116 10.82 -0.60 -18.02
CA ARG B 116 11.22 0.47 -18.96
C ARG B 116 9.97 1.14 -19.53
N PRO B 117 10.11 2.39 -20.02
CA PRO B 117 8.90 3.14 -20.44
C PRO B 117 8.21 2.53 -21.64
N GLU B 118 6.90 2.75 -21.76
CA GLU B 118 6.13 2.20 -22.87
C GLU B 118 6.13 3.22 -23.99
N VAL B 119 6.60 2.79 -25.16
CA VAL B 119 6.85 3.70 -26.26
C VAL B 119 5.58 4.16 -26.96
N GLY B 120 5.38 5.48 -27.04
CA GLY B 120 4.15 6.06 -27.60
C GLY B 120 2.87 5.73 -26.85
N VAL B 121 2.97 5.52 -25.54
CA VAL B 121 1.76 5.25 -24.77
C VAL B 121 0.86 6.51 -24.76
N LYS B 122 -0.45 6.32 -24.88
CA LYS B 122 -1.40 7.42 -24.66
C LYS B 122 -1.99 7.30 -23.27
N ASN B 123 -1.85 8.38 -22.50
CA ASN B 123 -2.48 8.54 -21.20
C ASN B 123 -3.78 9.38 -21.16
N LYS B 124 -4.82 8.80 -20.56
N LYS B 124 -4.84 8.81 -20.60
CA LYS B 124 -5.99 9.54 -20.16
CA LYS B 124 -5.97 9.60 -20.19
C LYS B 124 -5.76 10.04 -18.73
C LYS B 124 -5.74 10.04 -18.74
N ILE B 125 -5.71 11.36 -18.56
CA ILE B 125 -5.46 12.02 -17.29
C ILE B 125 -6.76 12.11 -16.51
N ILE B 126 -6.67 11.75 -15.23
CA ILE B 126 -7.78 11.85 -14.33
C ILE B 126 -7.35 12.83 -13.26
N PRO B 127 -8.02 13.96 -13.20
CA PRO B 127 -7.49 15.11 -12.47
C PRO B 127 -7.76 15.13 -10.96
N THR B 128 -6.85 15.81 -10.26
CA THR B 128 -7.01 16.04 -8.83
C THR B 128 -8.41 16.46 -8.54
N GLY B 129 -9.04 15.84 -7.55
CA GLY B 129 -10.41 16.23 -7.18
C GLY B 129 -11.45 15.28 -7.74
N THR B 130 -11.09 14.45 -8.70
CA THR B 130 -12.07 13.49 -9.24
C THR B 130 -12.63 12.57 -8.15
N VAL B 131 -13.94 12.47 -8.08
CA VAL B 131 -14.63 11.53 -7.20
C VAL B 131 -15.31 10.53 -8.08
N MET B 132 -14.81 9.31 -8.15
CA MET B 132 -15.47 8.32 -8.96
C MET B 132 -16.54 7.66 -8.17
N VAL B 133 -17.56 7.25 -8.88
CA VAL B 133 -18.79 6.82 -8.31
C VAL B 133 -19.16 5.50 -8.99
N PRO B 134 -19.88 4.64 -8.31
CA PRO B 134 -20.21 3.39 -8.97
C PRO B 134 -20.85 3.60 -10.34
N GLY B 135 -20.40 2.84 -11.33
CA GLY B 135 -20.81 3.09 -12.71
C GLY B 135 -19.88 4.02 -13.45
N THR B 136 -18.89 4.62 -12.78
CA THR B 136 -17.95 5.47 -13.49
C THR B 136 -17.03 4.55 -14.25
N GLU B 137 -16.72 4.95 -15.47
CA GLU B 137 -15.87 4.21 -16.35
C GLU B 137 -14.96 5.13 -17.18
N TYR B 138 -13.73 4.69 -17.46
CA TYR B 138 -12.91 5.39 -18.48
C TYR B 138 -12.36 4.38 -19.46
N ILE B 139 -12.41 4.77 -20.72
CA ILE B 139 -12.00 3.97 -21.84
C ILE B 139 -10.81 4.64 -22.51
N ASN B 140 -9.81 3.81 -22.81
CA ASN B 140 -8.61 4.20 -23.48
C ASN B 140 -8.14 3.00 -24.27
N GLY B 141 -8.47 3.02 -25.55
CA GLY B 141 -8.05 2.02 -26.49
C GLY B 141 -8.83 0.80 -26.15
N ASN B 142 -8.13 -0.33 -26.03
CA ASN B 142 -8.75 -1.60 -25.79
C ASN B 142 -8.74 -1.89 -24.27
N TYR B 143 -8.75 -0.84 -23.45
CA TYR B 143 -8.82 -1.04 -22.01
C TYR B 143 -9.81 -0.11 -21.36
N ARG B 144 -10.44 -0.57 -20.28
N ARG B 144 -10.47 -0.58 -20.29
CA ARG B 144 -11.36 0.27 -19.52
CA ARG B 144 -11.38 0.27 -19.53
C ARG B 144 -11.12 0.18 -18.02
C ARG B 144 -11.10 0.17 -18.03
N LEU B 145 -11.26 1.33 -17.36
CA LEU B 145 -11.14 1.44 -15.93
C LEU B 145 -12.51 1.72 -15.38
N ALA B 146 -12.98 0.78 -14.56
CA ALA B 146 -14.34 0.84 -13.98
C ALA B 146 -14.33 0.79 -12.48
N PHE B 147 -14.97 1.81 -11.92
CA PHE B 147 -15.40 1.79 -10.56
C PHE B 147 -16.84 1.33 -10.57
N GLN B 148 -17.02 0.10 -10.13
CA GLN B 148 -18.23 -0.65 -10.33
C GLN B 148 -19.25 -0.53 -9.20
N GLY B 149 -20.46 -0.97 -9.53
CA GLY B 149 -21.53 -1.03 -8.56
C GLY B 149 -21.13 -1.79 -7.33
N ASP B 150 -20.32 -2.83 -7.46
CA ASP B 150 -19.97 -3.63 -6.27
C ASP B 150 -18.82 -3.00 -5.47
N GLY B 151 -18.29 -1.88 -5.94
CA GLY B 151 -17.22 -1.17 -5.27
C GLY B 151 -15.81 -1.59 -5.71
N ASN B 152 -15.72 -2.54 -6.63
CA ASN B 152 -14.44 -2.94 -7.18
C ASN B 152 -13.96 -1.94 -8.23
N LEU B 153 -12.68 -1.54 -8.10
CA LEU B 153 -12.00 -0.81 -9.14
C LEU B 153 -11.22 -1.80 -10.02
N VAL B 154 -11.58 -1.82 -11.30
CA VAL B 154 -11.12 -2.88 -12.18
C VAL B 154 -10.62 -2.32 -13.48
N ILE B 155 -9.43 -2.78 -13.91
CA ILE B 155 -8.97 -2.52 -15.26
C ILE B 155 -9.28 -3.76 -16.07
N TYR B 156 -10.04 -3.56 -17.17
CA TYR B 156 -10.40 -4.64 -18.10
C TYR B 156 -9.72 -4.39 -19.45
N GLN B 157 -9.24 -5.47 -20.07
CA GLN B 157 -9.04 -5.46 -21.49
C GLN B 157 -10.45 -5.63 -22.12
N ILE B 158 -10.79 -4.88 -23.15
CA ILE B 158 -12.16 -4.92 -23.70
C ILE B 158 -12.40 -6.16 -24.54
N ASN B 159 -11.60 -6.34 -25.59
CA ASN B 159 -11.79 -7.47 -26.45
C ASN B 159 -10.48 -8.19 -26.64
N PRO B 160 -10.43 -9.46 -26.27
CA PRO B 160 -11.40 -10.15 -25.46
C PRO B 160 -11.39 -9.60 -24.07
N GLN B 161 -12.45 -9.91 -23.31
CA GLN B 161 -12.65 -9.29 -22.00
C GLN B 161 -11.83 -10.01 -20.96
N VAL B 162 -10.98 -9.28 -20.27
CA VAL B 162 -9.99 -9.89 -19.41
C VAL B 162 -9.66 -8.95 -18.28
N VAL B 163 -9.74 -9.43 -17.06
CA VAL B 163 -9.35 -8.62 -15.91
C VAL B 163 -7.81 -8.46 -15.89
N ILE B 164 -7.32 -7.22 -15.95
CA ILE B 164 -5.90 -6.97 -15.95
C ILE B 164 -5.43 -6.62 -14.53
N TRP B 165 -6.27 -5.97 -13.74
CA TRP B 165 -5.93 -5.51 -12.40
C TRP B 165 -7.21 -5.12 -11.65
N ALA B 166 -7.24 -5.26 -10.34
CA ALA B 166 -8.44 -4.91 -9.53
C ALA B 166 -8.04 -4.71 -8.07
N THR B 167 -8.79 -3.91 -7.36
CA THR B 167 -8.48 -3.59 -5.96
C THR B 167 -9.23 -4.51 -5.04
N TYR B 168 -10.32 -5.11 -5.53
CA TYR B 168 -11.17 -5.97 -4.71
C TYR B 168 -11.65 -5.19 -3.51
N THR B 169 -12.00 -3.92 -3.72
CA THR B 169 -12.65 -3.14 -2.66
C THR B 169 -14.20 -3.28 -2.70
N MET B 170 -14.70 -4.50 -2.59
CA MET B 170 -16.15 -4.78 -2.50
C MET B 170 -16.91 -3.88 -1.48
N GLY B 171 -18.00 -3.27 -1.93
CA GLY B 171 -18.81 -2.40 -1.09
C GLY B 171 -18.38 -0.95 -0.94
N ALA B 172 -17.30 -0.55 -1.61
CA ALA B 172 -16.90 0.84 -1.61
C ALA B 172 -17.99 1.61 -2.31
N ASP B 173 -18.11 2.89 -1.98
CA ASP B 173 -19.06 3.78 -2.66
C ASP B 173 -18.39 4.93 -3.40
N ARG B 174 -17.12 5.20 -3.12
CA ARG B 174 -16.40 6.19 -3.90
C ARG B 174 -14.91 5.99 -3.90
N ALA B 175 -14.30 6.62 -4.91
CA ALA B 175 -12.84 6.65 -5.08
C ALA B 175 -12.47 8.06 -5.34
N VAL B 176 -11.48 8.58 -4.60
CA VAL B 176 -11.15 10.02 -4.61
C VAL B 176 -9.66 10.28 -4.88
N VAL B 177 -9.39 11.03 -5.94
CA VAL B 177 -8.05 11.50 -6.26
C VAL B 177 -7.80 12.81 -5.50
N GLN B 178 -7.12 12.64 -4.37
CA GLN B 178 -7.06 13.66 -3.37
C GLN B 178 -5.96 14.70 -3.53
N GLU B 179 -6.25 15.88 -3.00
CA GLU B 179 -5.31 16.95 -2.93
C GLU B 179 -4.07 16.63 -2.11
N ASP B 180 -4.18 15.72 -1.17
CA ASP B 180 -3.04 15.38 -0.32
C ASP B 180 -2.06 14.46 -1.02
N GLY B 181 -2.42 14.02 -2.22
CA GLY B 181 -1.52 13.22 -3.04
C GLY B 181 -1.95 11.78 -3.11
N ASN B 182 -2.92 11.40 -2.25
CA ASN B 182 -3.36 10.01 -2.10
C ASN B 182 -4.57 9.76 -3.01
N PHE B 183 -4.64 8.54 -3.54
CA PHE B 183 -5.81 8.02 -4.24
C PHE B 183 -6.38 6.97 -3.31
N VAL B 184 -7.62 7.19 -2.89
CA VAL B 184 -8.24 6.42 -1.83
C VAL B 184 -9.64 5.97 -2.17
N ILE B 185 -9.95 4.70 -1.87
CA ILE B 185 -11.29 4.16 -2.11
C ILE B 185 -11.96 3.98 -0.78
N TYR B 186 -13.16 4.54 -0.68
CA TYR B 186 -13.87 4.64 0.58
C TYR B 186 -15.24 3.97 0.53
N LYS B 187 -15.65 3.47 1.69
CA LYS B 187 -17.02 3.15 2.02
C LYS B 187 -17.35 4.07 3.22
N GLY B 188 -18.28 5.01 3.00
CA GLY B 188 -18.47 6.12 3.89
C GLY B 188 -17.16 6.83 4.11
N THR B 189 -16.67 6.76 5.33
CA THR B 189 -15.45 7.44 5.73
C THR B 189 -14.33 6.44 6.00
N THR B 190 -14.62 5.17 5.80
CA THR B 190 -13.64 4.16 6.02
C THR B 190 -12.89 4.00 4.72
N ALA B 191 -11.58 4.09 4.80
CA ALA B 191 -10.69 3.83 3.69
C ALA B 191 -10.54 2.34 3.56
N LEU B 192 -10.83 1.81 2.39
CA LEU B 192 -10.74 0.38 2.13
C LEU B 192 -9.42 0.04 1.50
N TRP B 193 -8.80 1.05 0.92
CA TRP B 193 -7.66 0.88 0.05
C TRP B 193 -7.16 2.24 -0.39
N HIS B 194 -5.84 2.35 -0.50
CA HIS B 194 -5.24 3.58 -1.03
C HIS B 194 -3.86 3.31 -1.51
N THR B 195 -3.29 4.30 -2.16
CA THR B 195 -1.98 4.19 -2.83
C THR B 195 -0.80 4.53 -1.88
N HIS B 196 -1.11 4.93 -0.65
CA HIS B 196 -0.09 5.32 0.29
C HIS B 196 0.75 6.44 -0.23
N THR B 197 0.17 7.40 -0.93
CA THR B 197 0.98 8.51 -1.49
C THR B 197 0.54 9.86 -0.92
N ALA B 198 0.08 9.90 0.33
CA ALA B 198 -0.28 11.19 0.94
C ALA B 198 1.02 11.94 1.21
N THR B 199 1.30 12.92 0.38
CA THR B 199 2.50 13.75 0.52
C THR B 199 2.21 15.22 0.71
N GLY B 200 0.99 15.67 0.50
CA GLY B 200 0.64 17.09 0.62
C GLY B 200 0.73 17.80 -0.72
N MET B 201 1.11 17.04 -1.77
CA MET B 201 1.15 17.51 -3.14
C MET B 201 0.06 16.76 -3.95
N PRO B 202 -0.80 17.48 -4.68
CA PRO B 202 -1.99 16.85 -5.30
C PRO B 202 -1.69 15.74 -6.25
N ALA B 203 -2.58 14.74 -6.26
CA ALA B 203 -2.47 13.62 -7.18
C ALA B 203 -3.28 13.86 -8.43
N TYR B 204 -2.76 13.24 -9.49
CA TYR B 204 -3.56 12.92 -10.62
C TYR B 204 -3.19 11.51 -11.05
N LEU B 205 -4.04 10.94 -11.87
CA LEU B 205 -3.89 9.59 -12.31
C LEU B 205 -3.63 9.61 -13.81
N LYS B 206 -2.92 8.60 -14.30
CA LYS B 206 -2.87 8.34 -15.74
C LYS B 206 -3.32 6.92 -16.00
N PHE B 207 -4.36 6.83 -16.81
CA PHE B 207 -4.85 5.53 -17.30
C PHE B 207 -4.47 5.32 -18.78
N THR B 208 -3.60 4.33 -19.02
CA THR B 208 -2.99 4.14 -20.31
C THR B 208 -3.83 3.29 -21.25
N ASN B 209 -3.43 3.28 -22.51
CA ASN B 209 -4.03 2.45 -23.50
C ASN B 209 -3.33 1.12 -23.59
N THR B 210 -2.45 0.85 -22.61
CA THR B 210 -1.86 -0.46 -22.37
C THR B 210 -2.43 -1.11 -21.10
N GLY B 211 -3.43 -0.50 -20.49
CA GLY B 211 -4.16 -1.13 -19.40
C GLY B 211 -3.47 -1.00 -18.03
N LYS B 212 -2.89 0.19 -17.81
CA LYS B 212 -2.17 0.41 -16.57
C LYS B 212 -2.60 1.70 -15.92
N LEU B 213 -2.45 1.76 -14.61
CA LEU B 213 -2.83 2.95 -13.89
C LEU B 213 -1.67 3.46 -13.09
N PHE B 214 -1.34 4.76 -13.26
CA PHE B 214 -0.28 5.37 -12.44
C PHE B 214 -0.80 6.60 -11.76
N LEU B 215 -0.19 6.92 -10.64
CA LEU B 215 -0.47 8.13 -9.95
C LEU B 215 0.78 8.96 -9.94
N SER B 216 0.67 10.21 -10.34
CA SER B 216 1.79 11.12 -10.20
C SER B 216 1.39 12.37 -9.47
N GLN B 217 2.40 13.14 -9.11
CA GLN B 217 2.18 14.43 -8.49
C GLN B 217 3.05 15.47 -9.19
N PRO B 218 2.55 16.70 -9.29
CA PRO B 218 3.23 17.68 -10.12
C PRO B 218 4.56 18.04 -9.49
N THR B 219 5.54 18.31 -10.35
CA THR B 219 6.85 18.78 -9.96
C THR B 219 7.22 19.93 -10.85
N LEU B 220 7.04 21.13 -10.32
CA LEU B 220 7.30 22.32 -11.09
C LEU B 220 8.78 22.53 -11.08
N LEU B 221 9.38 22.53 -12.25
CA LEU B 221 10.81 22.76 -12.35
C LEU B 221 11.24 24.15 -12.70
N TRP B 222 10.34 25.00 -13.20
CA TRP B 222 10.77 26.28 -13.75
C TRP B 222 9.55 27.11 -14.11
N THR B 223 9.63 28.42 -13.89
CA THR B 223 8.62 29.32 -14.42
C THR B 223 9.31 30.49 -15.01
N LEU B 224 8.57 31.24 -15.81
CA LEU B 224 9.16 32.30 -16.54
C LEU B 224 9.61 33.36 -15.56
N LYS B 225 8.80 33.60 -14.54
CA LYS B 225 9.06 34.68 -13.62
C LYS B 225 10.04 34.26 -12.56
N ARG B 226 10.10 32.98 -12.24
CA ARG B 226 10.93 32.51 -11.14
C ARG B 226 12.21 31.79 -11.58
N GLY B 227 12.42 31.58 -12.88
CA GLY B 227 13.51 30.71 -13.33
C GLY B 227 13.40 29.28 -12.82
N SER B 228 14.52 28.55 -12.79
CA SER B 228 14.57 27.15 -12.26
C SER B 228 14.37 27.08 -10.75
N LEU B 229 13.75 26.01 -10.30
CA LEU B 229 13.44 25.84 -8.88
C LEU B 229 14.07 24.55 -8.40
N SER B 230 14.88 24.63 -7.35
CA SER B 230 15.41 23.45 -6.64
C SER B 230 14.36 22.89 -5.67
N LYS B 231 13.48 23.77 -5.20
CA LYS B 231 12.40 23.43 -4.28
C LYS B 231 11.07 23.46 -5.05
N PRO B 232 10.54 22.29 -5.45
CA PRO B 232 9.26 22.23 -6.17
C PRO B 232 8.06 22.68 -5.31
N PRO B 233 7.52 23.88 -5.58
CA PRO B 233 6.51 24.40 -4.66
C PRO B 233 5.17 23.66 -4.69
N LYS B 234 4.39 23.88 -3.64
CA LYS B 234 3.06 23.35 -3.50
C LYS B 234 2.22 24.10 -4.53
N VAL B 235 1.50 23.35 -5.34
CA VAL B 235 0.77 23.93 -6.43
C VAL B 235 -0.68 23.53 -6.22
N ILE B 236 -1.62 24.18 -6.91
CA ILE B 236 -3.03 23.80 -6.75
C ILE B 236 -3.69 23.37 -8.08
N PRO B 237 -4.68 22.46 -7.99
CA PRO B 237 -5.35 22.13 -9.23
C PRO B 237 -5.83 23.41 -9.88
N GLY B 238 -5.76 23.49 -11.19
CA GLY B 238 -6.15 24.69 -11.93
C GLY B 238 -7.36 24.33 -12.73
N GLN B 239 -8.01 25.28 -13.37
CA GLN B 239 -9.21 24.88 -14.09
C GLN B 239 -8.82 24.48 -15.50
N HIS B 240 -9.28 23.27 -15.87
CA HIS B 240 -9.04 22.66 -17.18
C HIS B 240 -10.17 22.83 -18.23
N GLY B 241 -9.74 23.11 -19.46
CA GLY B 241 -10.60 23.17 -20.64
C GLY B 241 -10.71 21.75 -21.27
N PRO B 242 -11.77 21.50 -22.07
CA PRO B 242 -11.86 20.20 -22.75
C PRO B 242 -10.78 20.11 -23.83
N LEU B 243 -10.44 21.25 -24.42
CA LEU B 243 -9.35 21.35 -25.37
C LEU B 243 -8.02 20.88 -24.78
N ASP B 244 -7.78 21.12 -23.50
CA ASP B 244 -6.45 20.83 -22.94
C ASP B 244 -6.32 19.50 -22.21
N THR B 245 -5.11 18.98 -22.31
CA THR B 245 -4.84 17.56 -22.33
C THR B 245 -3.61 17.18 -21.48
N THR B 246 -3.14 18.10 -20.65
CA THR B 246 -2.16 17.78 -19.66
C THR B 246 -2.91 17.95 -18.35
N PRO B 247 -2.24 17.66 -17.23
CA PRO B 247 -2.65 18.30 -15.99
C PRO B 247 -2.51 19.85 -16.09
N ILE B 248 -3.36 20.53 -15.32
CA ILE B 248 -3.42 21.95 -15.23
C ILE B 248 -3.29 22.41 -13.80
N TRP B 249 -2.35 23.31 -13.52
CA TRP B 249 -2.10 23.78 -12.15
C TRP B 249 -2.03 25.32 -12.04
N SER B 250 -2.10 25.84 -10.82
CA SER B 250 -1.68 27.22 -10.54
C SER B 250 -0.77 27.28 -9.31
N TRP B 251 0.14 28.26 -9.30
CA TRP B 251 1.15 28.40 -8.23
C TRP B 251 1.20 29.84 -7.71
N PRO B 252 1.58 30.06 -6.42
CA PRO B 252 1.71 31.36 -5.72
C PRO B 252 2.70 32.43 -6.24
N HIS B 253 2.69 33.61 -5.60
CA HIS B 253 3.56 34.77 -5.94
C HIS B 253 4.96 34.65 -5.32
O4 XXR C . -6.12 -16.26 -11.32
C4 XXR C . -5.10 -15.35 -11.70
C5 XXR C . -5.73 -13.97 -11.86
C6 XXR C . -6.20 -13.39 -10.52
C3 XXR C . -4.43 -15.80 -12.99
O3 XXR C . -3.93 -17.16 -12.92
C2 XXR C . -3.37 -14.76 -13.34
O2 XXR C . -2.29 -14.67 -12.39
C1 XXR C . -4.07 -13.39 -13.48
O5 XXR C . -4.81 -13.01 -12.32
O1 XXR C . -5.11 -13.42 -14.45
O4 XXR D . 11.51 -4.17 0.43
C4 XXR D . 11.19 -3.44 1.63
C5 XXR D . 10.79 -2.01 1.38
C6 XXR D . 9.66 -1.96 0.35
C3 XXR D . 12.29 -3.47 2.65
O3 XXR D . 12.67 -4.83 2.83
C2 XXR D . 11.79 -2.90 3.95
O2 XXR D . 10.76 -3.69 4.53
C1 XXR D . 11.18 -1.53 3.69
O5 XXR D . 10.27 -1.50 2.60
O1 XXR D . 12.19 -0.63 3.34
O4 XXR E . -3.87 -21.57 -13.39
C4 XXR E . -2.50 -21.19 -13.58
C5 XXR E . -1.73 -21.21 -12.26
C6 XXR E . -1.83 -22.57 -11.55
C3 XXR E . -2.58 -19.77 -14.07
O3 XXR E . -3.01 -19.70 -15.44
C2 XXR E . -1.24 -19.06 -13.86
O2 XXR E . -1.00 -18.39 -15.09
C1 XXR E . -0.05 -19.96 -13.51
O5 XXR E . -0.37 -20.95 -12.54
O1 XXR E . 0.99 -19.18 -12.93
O4 XXR F . -8.17 8.30 3.71
C4 XXR F . -6.78 8.65 3.73
C5 XXR F . -5.92 7.82 4.65
C6 XXR F . -6.09 6.35 4.41
C3 XXR F . -6.60 10.06 4.15
O3 XXR F . -7.43 10.85 3.34
C2 XXR F . -5.13 10.47 3.98
O2 XXR F . -4.74 10.59 2.60
C1 XXR F . -4.18 9.44 4.57
O5 XXR F . -4.57 8.10 4.35
O1 XXR F . -4.14 9.48 5.98
O4 XXR G . -14.44 -8.55 -12.73
C4 XXR G . -14.57 -8.41 -11.32
C5 XXR G . -13.47 -9.20 -10.59
C6 XXR G . -12.09 -8.62 -10.80
C3 XXR G . -15.99 -8.78 -10.79
O3 XXR G . -16.99 -7.95 -11.39
C2 XXR G . -16.02 -8.68 -9.28
O2 XXR G . -15.75 -7.34 -8.85
C1 XXR G . -14.89 -9.50 -8.67
O5 XXR G . -13.66 -9.03 -9.20
O1 XXR G . -14.94 -10.85 -9.12
O4 XXR H . 3.98 43.68 -31.17
C4 XXR H . 5.03 42.73 -30.98
C5 XXR H . 6.45 43.31 -31.01
C6 XXR H . 6.81 44.10 -29.74
C3 XXR H . 4.87 41.73 -32.10
O3 XXR H . 4.78 40.48 -31.43
C2 XXR H . 6.04 41.76 -33.10
O2 XXR H . 6.02 40.67 -34.03
C1 XXR H . 7.40 41.69 -32.43
O5 XXR H . 7.32 42.18 -31.10
O1 XXR H . 8.34 42.42 -33.21
O4 XXR I . -19.67 -7.63 -14.40
C4 XXR I . -20.49 -7.05 -13.40
C5 XXR I . -20.23 -5.55 -13.45
C6 XXR I . -20.93 -4.97 -14.69
C3 XXR I . -20.09 -7.67 -12.08
O3 XXR I . -20.93 -8.79 -11.78
C2 XXR I . -20.08 -6.67 -10.92
O2 XXR I . -20.59 -7.30 -9.76
C1 XXR I . -20.94 -5.45 -11.11
O5 XXR I . -20.67 -4.78 -12.33
O1 XXR I . -20.64 -4.55 -10.04
#